data_5B1X
#
_entry.id   5B1X
#
_cell.length_a   102.669
_cell.length_b   104.845
_cell.length_c   65.354
_cell.angle_alpha   90.00
_cell.angle_beta   90.00
_cell.angle_gamma   90.00
#
_symmetry.space_group_name_H-M   'P 21 21 2'
#
loop_
_entity.id
_entity.type
_entity.pdbx_description
1 polymer 'C-type lectin domain family 4 member A'
2 branched 2-acetamido-2-deoxy-beta-D-glucopyranose-(1-2)-alpha-D-mannopyranose
3 non-polymer 'CALCIUM ION'
4 water water
#
_entity_poly.entity_id   1
_entity_poly.type   'polypeptide(L)'
_entity_poly.pdbx_seq_one_letter_code
;GSCPKNWKSFSSNCYFISTESASWQDSEKDCARMEAHLLVINTQEEQDFIFQNLQEESAYFVGLSDPEGQRHWQWVDQTP
YNESSTFWHPREPSDPNERCVVLNFRKSPKRWGWNDVNCLGPQRSVCEMMKIHL
;
_entity_poly.pdbx_strand_id   A,B,C,D
#
loop_
_chem_comp.id
_chem_comp.type
_chem_comp.name
_chem_comp.formula
CA non-polymer 'CALCIUM ION' 'Ca 2'
MAN D-saccharide, alpha linking alpha-D-mannopyranose 'C6 H12 O6'
NAG D-saccharide, beta linking 2-acetamido-2-deoxy-beta-D-glucopyranose 'C8 H15 N O6'
#
# COMPACT_ATOMS: atom_id res chain seq x y z
N SER A 2 1.33 39.22 -1.87
CA SER A 2 1.03 39.15 -3.30
C SER A 2 2.21 39.65 -4.14
N CYS A 3 2.81 38.75 -4.90
CA CYS A 3 3.98 39.07 -5.70
C CYS A 3 3.61 40.02 -6.84
N PRO A 4 4.58 40.83 -7.30
CA PRO A 4 4.27 41.79 -8.37
C PRO A 4 3.93 41.12 -9.70
N LYS A 5 3.73 41.93 -10.73
CA LYS A 5 3.48 41.39 -12.06
C LYS A 5 4.74 40.73 -12.59
N ASN A 6 4.56 39.57 -13.25
CA ASN A 6 5.65 38.82 -13.87
C ASN A 6 6.66 38.31 -12.83
N TRP A 7 6.16 37.94 -11.65
CA TRP A 7 6.99 37.38 -10.60
C TRP A 7 6.32 36.13 -10.05
N LYS A 8 6.97 34.98 -10.23
CA LYS A 8 6.46 33.74 -9.67
C LYS A 8 6.46 33.79 -8.14
N SER A 9 5.47 33.15 -7.54
CA SER A 9 5.29 33.18 -6.10
C SER A 9 5.56 31.81 -5.49
N PHE A 10 6.21 31.81 -4.32
CA PHE A 10 6.51 30.58 -3.61
C PHE A 10 6.73 30.91 -2.14
N SER A 11 6.14 30.09 -1.26
CA SER A 11 6.18 30.33 0.18
C SER A 11 5.76 31.77 0.49
N SER A 12 6.66 32.53 1.10
CA SER A 12 6.42 33.95 1.38
C SER A 12 7.37 34.85 0.63
N ASN A 13 7.97 34.36 -0.45
CA ASN A 13 8.93 35.12 -1.23
C ASN A 13 8.45 35.22 -2.68
N CYS A 14 9.16 36.03 -3.46
CA CYS A 14 8.86 36.23 -4.86
C CYS A 14 10.12 35.98 -5.68
N TYR A 15 9.92 35.49 -6.90
CA TYR A 15 11.03 35.08 -7.75
C TYR A 15 10.79 35.60 -9.16
N PHE A 16 11.86 36.10 -9.78
CA PHE A 16 11.82 36.61 -11.14
C PHE A 16 12.80 35.79 -11.99
N ILE A 17 12.27 35.09 -12.97
CA ILE A 17 13.08 34.30 -13.89
C ILE A 17 13.42 35.18 -15.09
N SER A 18 14.72 35.43 -15.27
CA SER A 18 15.18 36.37 -16.28
C SER A 18 14.96 35.82 -17.69
N THR A 19 14.75 36.76 -18.62
CA THR A 19 14.84 36.48 -20.04
C THR A 19 16.05 37.14 -20.69
N GLU A 20 16.49 38.28 -20.17
CA GLU A 20 17.70 38.93 -20.66
C GLU A 20 18.93 38.32 -19.99
N SER A 21 20.09 38.55 -20.60
CA SER A 21 21.35 37.95 -20.16
C SER A 21 22.30 39.02 -19.67
N ALA A 22 23.05 38.69 -18.63
CA ALA A 22 24.04 39.60 -18.05
C ALA A 22 25.04 38.79 -17.25
N SER A 23 26.17 39.42 -16.92
CA SER A 23 27.16 38.78 -16.08
C SER A 23 26.60 38.53 -14.69
N TRP A 24 27.33 37.73 -13.91
CA TRP A 24 26.88 37.40 -12.56
C TRP A 24 26.75 38.66 -11.71
N GLN A 25 27.74 39.56 -11.77
CA GLN A 25 27.68 40.77 -10.96
C GLN A 25 26.58 41.71 -11.45
N ASP A 26 26.47 41.88 -12.77
CA ASP A 26 25.39 42.71 -13.30
C ASP A 26 24.03 42.08 -13.08
N SER A 27 23.96 40.77 -12.87
CA SER A 27 22.70 40.14 -12.49
C SER A 27 22.35 40.47 -11.04
N GLU A 28 23.30 40.30 -10.13
CA GLU A 28 23.07 40.69 -8.74
C GLU A 28 22.84 42.19 -8.63
N LYS A 29 23.51 42.99 -9.47
CA LYS A 29 23.25 44.43 -9.50
C LYS A 29 21.80 44.71 -9.87
N ASP A 30 21.26 43.99 -10.85
CA ASP A 30 19.90 44.22 -11.30
C ASP A 30 18.88 43.67 -10.31
N CYS A 31 19.17 42.52 -9.68
CA CYS A 31 18.30 42.05 -8.61
C CYS A 31 18.23 43.06 -7.47
N ALA A 32 19.35 43.69 -7.14
CA ALA A 32 19.36 44.68 -6.07
C ALA A 32 18.55 45.91 -6.44
N ARG A 33 18.56 46.30 -7.73
CA ARG A 33 17.80 47.47 -8.14
C ARG A 33 16.30 47.25 -7.97
N MET A 34 15.85 46.00 -8.05
CA MET A 34 14.47 45.63 -7.74
C MET A 34 14.29 45.20 -6.30
N GLU A 35 15.21 45.58 -5.42
CA GLU A 35 15.17 45.23 -4.00
C GLU A 35 15.04 43.72 -3.83
N ALA A 36 16.05 43.01 -4.34
CA ALA A 36 16.11 41.55 -4.24
C ALA A 36 17.57 41.13 -4.39
N HIS A 37 17.80 39.83 -4.22
CA HIS A 37 19.11 39.25 -4.43
C HIS A 37 18.98 38.09 -5.42
N LEU A 38 20.11 37.65 -5.93
CA LEU A 38 20.13 36.43 -6.73
C LEU A 38 19.62 35.27 -5.87
N LEU A 39 19.08 34.25 -6.55
CA LEU A 39 18.46 33.13 -5.85
C LEU A 39 19.43 32.50 -4.87
N VAL A 40 18.91 32.11 -3.71
CA VAL A 40 19.67 31.40 -2.68
C VAL A 40 18.86 30.17 -2.33
N ILE A 41 19.29 29.00 -2.82
CA ILE A 41 18.56 27.76 -2.57
C ILE A 41 18.74 27.36 -1.10
N ASN A 42 17.64 27.33 -0.37
CA ASN A 42 17.66 26.99 1.04
C ASN A 42 17.09 25.60 1.34
N THR A 43 16.00 25.21 0.68
CA THR A 43 15.37 23.92 0.91
C THR A 43 15.24 23.16 -0.40
N GLN A 44 14.90 21.86 -0.27
CA GLN A 44 14.64 21.03 -1.43
C GLN A 44 13.39 21.50 -2.17
N GLU A 45 12.40 22.00 -1.44
CA GLU A 45 11.16 22.46 -2.07
C GLU A 45 11.39 23.73 -2.87
N GLU A 46 12.23 24.63 -2.37
CA GLU A 46 12.49 25.87 -3.10
C GLU A 46 13.19 25.59 -4.42
N GLN A 47 14.12 24.64 -4.43
CA GLN A 47 14.87 24.33 -5.65
C GLN A 47 13.95 23.74 -6.72
N ASP A 48 13.12 22.76 -6.34
CA ASP A 48 12.22 22.13 -7.30
C ASP A 48 11.21 23.10 -7.87
N PHE A 49 10.75 24.07 -7.06
CA PHE A 49 9.82 25.07 -7.59
C PHE A 49 10.48 25.90 -8.68
N ILE A 50 11.77 26.23 -8.51
CA ILE A 50 12.46 27.05 -9.51
C ILE A 50 12.68 26.26 -10.78
N PHE A 51 13.06 24.98 -10.66
CA PHE A 51 13.28 24.14 -11.84
C PHE A 51 12.02 24.05 -12.70
N GLN A 52 10.85 24.03 -12.07
CA GLN A 52 9.60 23.91 -12.82
C GLN A 52 9.32 25.13 -13.69
N ASN A 53 10.01 26.24 -13.46
CA ASN A 53 9.75 27.48 -14.18
C ASN A 53 10.95 27.94 -15.02
N LEU A 54 11.92 27.07 -15.23
CA LEU A 54 13.11 27.42 -16.00
C LEU A 54 13.05 26.79 -17.38
N GLN A 55 13.76 27.41 -18.32
CA GLN A 55 13.90 26.85 -19.65
C GLN A 55 15.08 25.88 -19.66
N GLU A 56 14.82 24.64 -20.07
CA GLU A 56 15.87 23.64 -20.15
C GLU A 56 16.96 24.03 -21.14
N GLU A 57 16.66 24.94 -22.06
CA GLU A 57 17.62 25.40 -23.06
C GLU A 57 18.47 26.58 -22.58
N SER A 58 18.39 26.94 -21.30
CA SER A 58 19.07 28.13 -20.80
C SER A 58 19.64 27.87 -19.41
N ALA A 59 20.71 28.59 -19.09
CA ALA A 59 21.33 28.56 -17.78
C ALA A 59 20.97 29.82 -16.99
N TYR A 60 20.91 29.69 -15.67
CA TYR A 60 20.40 30.75 -14.81
C TYR A 60 21.36 30.99 -13.65
N PHE A 61 21.86 32.22 -13.55
CA PHE A 61 22.77 32.59 -12.48
C PHE A 61 22.08 32.55 -11.12
N VAL A 62 22.85 32.14 -10.11
CA VAL A 62 22.36 31.98 -8.75
C VAL A 62 23.38 32.59 -7.80
N GLY A 63 22.89 33.15 -6.70
CA GLY A 63 23.75 33.83 -5.75
C GLY A 63 24.76 32.96 -5.03
N LEU A 64 25.50 32.14 -5.78
CA LEU A 64 26.53 31.26 -5.23
C LEU A 64 27.80 31.46 -6.05
N SER A 65 28.87 31.90 -5.39
CA SER A 65 30.10 32.21 -6.10
C SER A 65 31.30 31.77 -5.28
N ASP A 66 32.47 31.85 -5.91
CA ASP A 66 33.75 31.48 -5.28
C ASP A 66 34.78 32.49 -5.77
N PRO A 67 34.90 33.63 -5.08
CA PRO A 67 35.66 34.76 -5.66
C PRO A 67 37.13 34.48 -5.88
N GLU A 68 37.83 34.01 -4.85
CA GLU A 68 39.27 33.79 -4.95
C GLU A 68 39.64 32.54 -5.72
N GLY A 69 38.66 31.72 -6.11
CA GLY A 69 38.95 30.50 -6.84
C GLY A 69 39.42 29.34 -5.99
N GLN A 70 39.27 29.42 -4.67
CA GLN A 70 39.69 28.34 -3.78
C GLN A 70 38.59 27.34 -3.50
N ARG A 71 37.51 27.37 -4.27
CA ARG A 71 36.33 26.53 -4.03
C ARG A 71 35.76 26.78 -2.64
N HIS A 72 35.77 28.04 -2.21
CA HIS A 72 35.13 28.49 -0.98
C HIS A 72 33.80 29.13 -1.39
N TRP A 73 32.74 28.32 -1.41
CA TRP A 73 31.46 28.79 -1.93
C TRP A 73 30.75 29.66 -0.90
N GLN A 74 30.16 30.75 -1.38
CA GLN A 74 29.48 31.71 -0.54
C GLN A 74 28.14 32.08 -1.16
N TRP A 75 27.14 32.31 -0.32
CA TRP A 75 25.86 32.83 -0.76
C TRP A 75 25.84 34.35 -0.66
N VAL A 76 25.14 34.99 -1.59
CA VAL A 76 25.07 36.45 -1.61
C VAL A 76 24.46 36.97 -0.31
N ASP A 77 23.47 36.27 0.23
CA ASP A 77 22.83 36.67 1.47
C ASP A 77 23.61 36.24 2.72
N GLN A 78 24.83 35.74 2.53
CA GLN A 78 25.80 35.47 3.60
C GLN A 78 25.45 34.26 4.45
N THR A 79 24.44 33.47 4.07
CA THR A 79 24.05 32.33 4.89
C THR A 79 25.00 31.15 4.66
N PRO A 80 25.12 30.25 5.63
CA PRO A 80 26.10 29.17 5.53
C PRO A 80 25.87 28.28 4.31
N TYR A 81 26.96 27.70 3.82
CA TYR A 81 26.96 26.74 2.72
C TYR A 81 27.16 25.35 3.29
N ASN A 82 26.22 24.44 3.03
CA ASN A 82 26.34 23.05 3.45
C ASN A 82 26.37 22.17 2.20
N GLU A 83 27.51 21.53 1.94
CA GLU A 83 27.70 20.79 0.71
C GLU A 83 26.72 19.63 0.56
N SER A 84 26.34 19.00 1.69
CA SER A 84 25.43 17.84 1.60
C SER A 84 24.07 18.23 1.04
N SER A 85 23.68 19.50 1.18
CA SER A 85 22.42 19.99 0.62
C SER A 85 22.64 20.79 -0.65
N THR A 86 23.49 20.28 -1.55
CA THR A 86 23.76 20.92 -2.83
C THR A 86 23.25 20.04 -3.97
N PHE A 87 23.05 20.68 -5.12
CA PHE A 87 22.55 19.98 -6.30
C PHE A 87 23.57 20.02 -7.43
N TRP A 88 24.83 19.72 -7.11
CA TRP A 88 25.87 19.71 -8.13
C TRP A 88 25.65 18.57 -9.11
N HIS A 89 25.76 18.88 -10.40
CA HIS A 89 25.87 17.83 -11.40
C HIS A 89 27.08 16.95 -11.09
N PRO A 90 27.08 15.70 -11.52
CA PRO A 90 28.32 14.93 -11.55
C PRO A 90 29.35 15.69 -12.37
N ARG A 91 30.63 15.50 -12.02
CA ARG A 91 31.80 16.19 -12.56
C ARG A 91 31.91 17.63 -12.06
N GLU A 92 30.95 18.12 -11.28
CA GLU A 92 30.92 19.55 -10.93
C GLU A 92 31.04 19.78 -9.42
N PRO A 93 31.73 20.87 -9.01
CA PRO A 93 32.42 21.89 -9.80
C PRO A 93 33.61 21.32 -10.57
N SER A 94 33.95 21.94 -11.71
CA SER A 94 34.89 21.34 -12.64
C SER A 94 36.16 22.16 -12.89
N ASP A 95 36.18 23.45 -12.56
CA ASP A 95 37.30 24.28 -12.96
C ASP A 95 37.50 25.44 -11.98
N PRO A 96 38.71 25.63 -11.46
CA PRO A 96 38.98 26.79 -10.60
C PRO A 96 38.60 28.13 -11.22
N ASN A 97 38.67 28.26 -12.54
CA ASN A 97 38.38 29.53 -13.20
C ASN A 97 36.89 29.74 -13.45
N GLU A 98 36.04 28.75 -13.19
CA GLU A 98 34.59 28.91 -13.25
C GLU A 98 34.10 29.20 -11.83
N ARG A 99 33.79 30.46 -11.56
CA ARG A 99 33.60 30.94 -10.19
C ARG A 99 32.15 31.26 -9.86
N CYS A 100 31.22 30.96 -10.75
CA CYS A 100 29.83 31.33 -10.51
C CYS A 100 28.94 30.15 -10.90
N VAL A 101 27.89 29.94 -10.10
CA VAL A 101 27.04 28.77 -10.22
C VAL A 101 25.81 29.10 -11.04
N VAL A 102 25.45 28.21 -11.96
CA VAL A 102 24.23 28.33 -12.74
C VAL A 102 23.40 27.07 -12.57
N LEU A 103 22.08 27.23 -12.72
CA LEU A 103 21.17 26.11 -12.87
C LEU A 103 21.05 25.79 -14.36
N ASN A 104 21.39 24.56 -14.74
CA ASN A 104 21.32 24.18 -16.14
C ASN A 104 20.82 22.75 -16.25
N PHE A 105 20.21 22.46 -17.39
CA PHE A 105 19.65 21.14 -17.68
C PHE A 105 20.57 20.39 -18.63
N ARG A 106 20.63 19.07 -18.46
CA ARG A 106 21.46 18.22 -19.30
C ARG A 106 20.62 17.06 -19.83
N LYS A 107 21.02 16.54 -20.99
CA LYS A 107 20.16 15.66 -21.77
C LYS A 107 20.48 14.17 -21.64
N SER A 108 21.66 13.81 -21.14
CA SER A 108 22.02 12.39 -21.06
C SER A 108 22.77 12.04 -19.78
N PRO A 109 22.03 11.66 -18.72
CA PRO A 109 20.57 11.58 -18.70
C PRO A 109 19.91 12.92 -18.38
N LYS A 110 18.59 13.00 -18.52
CA LYS A 110 17.89 14.24 -18.22
C LYS A 110 17.98 14.56 -16.74
N ARG A 111 18.58 15.70 -16.41
CA ARG A 111 18.82 16.05 -15.01
C ARG A 111 18.98 17.56 -14.86
N TRP A 112 18.26 18.14 -13.90
CA TRP A 112 18.51 19.50 -13.46
C TRP A 112 19.60 19.51 -12.38
N GLY A 113 20.51 20.47 -12.48
CA GLY A 113 21.57 20.53 -11.48
C GLY A 113 22.36 21.82 -11.58
N TRP A 114 23.37 21.91 -10.71
CA TRP A 114 24.25 23.06 -10.64
C TRP A 114 25.48 22.86 -11.51
N ASN A 115 26.11 23.97 -11.89
CA ASN A 115 27.35 23.92 -12.65
C ASN A 115 28.09 25.23 -12.49
N ASP A 116 29.36 25.15 -12.10
CA ASP A 116 30.20 26.33 -12.03
C ASP A 116 30.60 26.73 -13.45
N VAL A 117 30.24 27.95 -13.84
CA VAL A 117 30.60 28.50 -15.14
C VAL A 117 31.28 29.85 -14.92
N ASN A 118 31.68 30.48 -16.01
CA ASN A 118 32.29 31.79 -15.92
C ASN A 118 31.31 32.82 -15.38
N CYS A 119 31.85 33.82 -14.70
CA CYS A 119 31.06 34.91 -14.14
C CYS A 119 30.83 36.04 -15.14
N LEU A 120 31.76 36.29 -16.06
CA LEU A 120 31.62 37.42 -16.97
C LEU A 120 30.69 37.11 -18.13
N GLY A 121 30.77 35.89 -18.67
CA GLY A 121 29.90 35.47 -19.75
C GLY A 121 28.44 35.59 -19.37
N PRO A 122 27.70 36.38 -20.15
CA PRO A 122 26.31 36.69 -19.76
C PRO A 122 25.43 35.45 -19.77
N GLN A 123 24.56 35.38 -18.76
CA GLN A 123 23.57 34.32 -18.63
C GLN A 123 22.28 34.91 -18.09
N ARG A 124 21.23 34.11 -18.12
CA ARG A 124 20.02 34.49 -17.39
C ARG A 124 20.24 34.32 -15.90
N SER A 125 19.29 34.78 -15.10
CA SER A 125 19.44 34.75 -13.66
C SER A 125 18.07 34.62 -13.00
N VAL A 126 18.08 34.50 -11.67
CA VAL A 126 16.86 34.41 -10.88
C VAL A 126 17.01 35.35 -9.70
N CYS A 127 16.13 36.34 -9.62
CA CYS A 127 16.09 37.24 -8.47
C CYS A 127 15.11 36.71 -7.45
N GLU A 128 15.49 36.79 -6.18
CA GLU A 128 14.64 36.36 -5.07
C GLU A 128 14.33 37.56 -4.19
N MET A 129 13.05 37.93 -4.11
CA MET A 129 12.61 39.04 -3.28
C MET A 129 11.86 38.50 -2.06
N MET A 130 12.18 39.05 -0.89
CA MET A 130 11.53 38.67 0.35
C MET A 130 10.32 39.58 0.57
N LYS A 131 9.14 38.98 0.70
CA LYS A 131 7.88 39.72 0.76
C LYS A 131 7.54 40.16 2.18
N SER B 2 32.19 -10.02 -24.81
CA SER B 2 31.10 -9.14 -25.21
C SER B 2 29.76 -9.62 -24.63
N CYS B 3 28.77 -8.71 -24.63
CA CYS B 3 27.46 -8.95 -24.06
C CYS B 3 26.54 -9.64 -25.06
N PRO B 4 25.56 -10.40 -24.57
CA PRO B 4 24.63 -11.09 -25.48
C PRO B 4 23.79 -10.10 -26.27
N LYS B 5 23.04 -10.64 -27.24
CA LYS B 5 22.16 -9.82 -28.05
C LYS B 5 21.07 -9.21 -27.19
N ASN B 6 20.71 -7.96 -27.50
CA ASN B 6 19.67 -7.23 -26.77
C ASN B 6 20.05 -7.05 -25.30
N TRP B 7 21.34 -6.89 -25.05
CA TRP B 7 21.86 -6.60 -23.71
C TRP B 7 22.81 -5.42 -23.80
N LYS B 8 22.49 -4.33 -23.10
CA LYS B 8 23.37 -3.18 -23.09
C LYS B 8 24.61 -3.45 -22.26
N SER B 9 25.71 -2.82 -22.62
CA SER B 9 27.03 -3.09 -22.06
C SER B 9 27.57 -1.86 -21.34
N PHE B 10 28.04 -2.06 -20.11
CA PHE B 10 28.68 -1.01 -19.32
C PHE B 10 29.76 -1.64 -18.47
N SER B 11 30.92 -1.00 -18.42
CA SER B 11 32.07 -1.51 -17.68
C SER B 11 32.37 -2.94 -18.08
N SER B 12 32.33 -3.86 -17.12
CA SER B 12 32.57 -5.28 -17.38
C SER B 12 31.32 -6.12 -17.21
N ASN B 13 30.14 -5.50 -17.21
CA ASN B 13 28.88 -6.20 -16.99
C ASN B 13 27.95 -5.98 -18.17
N CYS B 14 26.84 -6.72 -18.15
CA CYS B 14 25.80 -6.64 -19.17
C CYS B 14 24.47 -6.38 -18.48
N TYR B 15 23.61 -5.61 -19.13
CA TYR B 15 22.35 -5.20 -18.55
C TYR B 15 21.22 -5.46 -19.54
N PHE B 16 20.09 -5.93 -19.03
CA PHE B 16 18.92 -6.22 -19.85
C PHE B 16 17.77 -5.37 -19.33
N ILE B 17 17.30 -4.44 -20.15
CA ILE B 17 16.14 -3.61 -19.84
C ILE B 17 14.91 -4.31 -20.43
N SER B 18 14.06 -4.83 -19.56
CA SER B 18 12.93 -5.64 -20.01
C SER B 18 11.84 -4.77 -20.62
N THR B 19 11.03 -5.39 -21.49
CA THR B 19 9.78 -4.83 -21.96
C THR B 19 8.57 -5.53 -21.36
N GLU B 20 8.71 -6.80 -21.00
CA GLU B 20 7.70 -7.54 -20.26
C GLU B 20 7.69 -7.11 -18.79
N SER B 21 6.55 -7.29 -18.15
CA SER B 21 6.38 -6.91 -16.75
C SER B 21 6.16 -8.15 -15.89
N ALA B 22 6.52 -8.03 -14.62
CA ALA B 22 6.37 -9.10 -13.64
C ALA B 22 6.58 -8.51 -12.26
N SER B 23 6.15 -9.25 -11.24
CA SER B 23 6.35 -8.82 -9.87
C SER B 23 7.85 -8.78 -9.55
N TRP B 24 8.17 -8.30 -8.35
CA TRP B 24 9.56 -8.11 -7.99
C TRP B 24 10.31 -9.44 -7.88
N GLN B 25 9.73 -10.39 -7.13
CA GLN B 25 10.42 -11.67 -6.96
C GLN B 25 10.44 -12.46 -8.26
N ASP B 26 9.37 -12.38 -9.05
CA ASP B 26 9.39 -13.03 -10.36
C ASP B 26 10.41 -12.37 -11.29
N SER B 27 10.64 -11.07 -11.12
CA SER B 27 11.69 -10.39 -11.89
C SER B 27 13.06 -10.91 -11.49
N GLU B 28 13.33 -10.99 -10.19
CA GLU B 28 14.59 -11.56 -9.72
C GLU B 28 14.72 -13.01 -10.18
N LYS B 29 13.62 -13.76 -10.18
CA LYS B 29 13.66 -15.16 -10.62
C LYS B 29 13.98 -15.24 -12.11
N ASP B 30 13.40 -14.33 -12.91
CA ASP B 30 13.77 -14.22 -14.32
C ASP B 30 15.25 -13.91 -14.50
N CYS B 31 15.75 -12.89 -13.80
CA CYS B 31 17.17 -12.53 -13.92
C CYS B 31 18.07 -13.67 -13.51
N ALA B 32 17.64 -14.46 -12.51
CA ALA B 32 18.43 -15.62 -12.09
C ALA B 32 18.51 -16.69 -13.18
N ARG B 33 17.45 -16.86 -13.98
CA ARG B 33 17.52 -17.89 -15.02
C ARG B 33 18.48 -17.49 -16.13
N MET B 34 18.65 -16.20 -16.38
CA MET B 34 19.67 -15.73 -17.30
C MET B 34 21.01 -15.48 -16.60
N GLU B 35 21.25 -16.17 -15.47
CA GLU B 35 22.49 -16.08 -14.72
C GLU B 35 22.84 -14.63 -14.41
N ALA B 36 21.90 -13.95 -13.76
CA ALA B 36 22.04 -12.56 -13.41
C ALA B 36 21.22 -12.28 -12.16
N HIS B 37 21.30 -11.04 -11.68
CA HIS B 37 20.51 -10.55 -10.57
C HIS B 37 19.84 -9.25 -10.98
N LEU B 38 18.85 -8.83 -10.20
CA LEU B 38 18.26 -7.52 -10.43
C LEU B 38 19.32 -6.44 -10.23
N LEU B 39 19.11 -5.32 -10.90
CA LEU B 39 20.12 -4.25 -10.93
C LEU B 39 20.47 -3.81 -9.51
N VAL B 40 21.77 -3.77 -9.23
CA VAL B 40 22.30 -3.24 -7.98
C VAL B 40 23.15 -2.02 -8.34
N ILE B 41 22.66 -0.84 -7.96
CA ILE B 41 23.35 0.41 -8.29
C ILE B 41 24.51 0.59 -7.32
N ASN B 42 25.73 0.58 -7.85
CA ASN B 42 26.94 0.67 -7.04
C ASN B 42 27.64 2.01 -7.12
N THR B 43 27.69 2.64 -8.29
CA THR B 43 28.38 3.92 -8.46
C THR B 43 27.51 4.87 -9.29
N GLN B 44 27.84 6.16 -9.20
CA GLN B 44 27.11 7.19 -9.92
C GLN B 44 27.16 6.99 -11.43
N GLU B 45 28.29 6.50 -11.95
CA GLU B 45 28.41 6.28 -13.39
C GLU B 45 27.54 5.12 -13.84
N GLU B 46 27.35 4.10 -13.00
CA GLU B 46 26.48 3.00 -13.37
C GLU B 46 25.02 3.45 -13.43
N GLN B 47 24.59 4.23 -12.45
CA GLN B 47 23.21 4.71 -12.42
C GLN B 47 22.89 5.57 -13.63
N ASP B 48 23.79 6.48 -14.00
CA ASP B 48 23.52 7.37 -15.11
C ASP B 48 23.52 6.64 -16.45
N PHE B 49 24.32 5.56 -16.58
CA PHE B 49 24.26 4.76 -17.79
C PHE B 49 22.91 4.08 -17.93
N ILE B 50 22.30 3.66 -16.83
CA ILE B 50 21.01 3.01 -16.88
C ILE B 50 19.92 4.00 -17.27
N PHE B 51 19.98 5.21 -16.70
CA PHE B 51 18.89 6.18 -16.90
C PHE B 51 18.72 6.55 -18.36
N GLN B 52 19.83 6.66 -19.11
CA GLN B 52 19.71 7.01 -20.53
C GLN B 52 19.21 5.86 -21.39
N ASN B 53 19.12 4.66 -20.84
CA ASN B 53 18.64 3.50 -21.56
C ASN B 53 17.27 3.05 -21.09
N LEU B 54 16.60 3.83 -20.26
CA LEU B 54 15.25 3.53 -19.79
C LEU B 54 14.23 4.37 -20.55
N GLN B 55 13.02 3.87 -20.64
CA GLN B 55 11.91 4.63 -21.20
C GLN B 55 11.25 5.43 -20.09
N GLU B 56 11.07 6.73 -20.32
CA GLU B 56 10.66 7.64 -19.25
C GLU B 56 9.25 7.33 -18.74
N GLU B 57 8.40 6.78 -19.60
CA GLU B 57 7.01 6.52 -19.22
C GLU B 57 6.82 5.16 -18.56
N SER B 58 7.90 4.51 -18.13
CA SER B 58 7.80 3.20 -17.49
C SER B 58 8.71 3.16 -16.27
N ALA B 59 8.30 2.38 -15.27
CA ALA B 59 9.11 2.13 -14.08
C ALA B 59 9.81 0.79 -14.22
N TYR B 60 10.95 0.66 -13.53
CA TYR B 60 11.80 -0.52 -13.66
C TYR B 60 12.23 -1.01 -12.28
N PHE B 61 11.98 -2.28 -12.02
CA PHE B 61 12.37 -2.89 -10.75
C PHE B 61 13.89 -3.01 -10.67
N VAL B 62 14.42 -2.84 -9.45
CA VAL B 62 15.83 -3.04 -9.17
C VAL B 62 15.95 -3.89 -7.91
N GLY B 63 17.15 -4.45 -7.70
CA GLY B 63 17.39 -5.36 -6.60
C GLY B 63 17.55 -4.69 -5.26
N LEU B 64 16.62 -3.81 -4.89
CA LEU B 64 16.61 -3.15 -3.60
C LEU B 64 15.23 -3.31 -3.00
N SER B 65 15.15 -3.95 -1.83
CA SER B 65 13.87 -4.29 -1.24
C SER B 65 13.92 -4.08 0.27
N ASP B 66 12.76 -4.27 0.90
CA ASP B 66 12.60 -4.11 2.34
C ASP B 66 11.62 -5.19 2.79
N PRO B 67 12.11 -6.39 3.10
CA PRO B 67 11.18 -7.51 3.36
C PRO B 67 10.25 -7.26 4.53
N GLU B 68 10.81 -6.95 5.70
CA GLU B 68 9.98 -6.79 6.90
C GLU B 68 9.23 -5.47 6.91
N GLY B 69 9.71 -4.44 6.21
CA GLY B 69 9.00 -3.20 6.08
C GLY B 69 9.44 -2.09 7.00
N GLN B 70 10.54 -2.26 7.73
CA GLN B 70 11.02 -1.24 8.67
C GLN B 70 12.04 -0.30 8.04
N ARG B 71 11.93 -0.03 6.74
CA ARG B 71 12.86 0.84 6.03
C ARG B 71 14.31 0.39 6.21
N HIS B 72 14.51 -0.93 6.26
CA HIS B 72 15.82 -1.54 6.37
C HIS B 72 16.14 -2.14 5.00
N TRP B 73 16.70 -1.31 4.12
CA TRP B 73 16.89 -1.68 2.72
C TRP B 73 18.07 -2.63 2.57
N GLN B 74 17.94 -3.53 1.61
CA GLN B 74 18.95 -4.56 1.35
C GLN B 74 19.05 -4.81 -0.15
N TRP B 75 20.27 -4.97 -0.64
CA TRP B 75 20.49 -5.35 -2.02
C TRP B 75 20.40 -6.87 -2.17
N VAL B 76 20.03 -7.31 -3.37
CA VAL B 76 19.84 -8.75 -3.59
C VAL B 76 21.16 -9.50 -3.46
N ASP B 77 22.28 -8.88 -3.84
CA ASP B 77 23.60 -9.48 -3.64
C ASP B 77 24.18 -9.17 -2.27
N GLN B 78 23.34 -8.74 -1.32
CA GLN B 78 23.69 -8.43 0.07
C GLN B 78 24.94 -7.56 0.20
N THR B 79 25.20 -6.70 -0.78
CA THR B 79 26.25 -5.70 -0.60
C THR B 79 25.73 -4.55 0.25
N PRO B 80 26.61 -3.88 0.99
CA PRO B 80 26.15 -2.85 1.94
C PRO B 80 25.35 -1.74 1.27
N TYR B 81 24.38 -1.23 2.01
CA TYR B 81 23.52 -0.14 1.58
C TYR B 81 23.98 1.15 2.26
N ASN B 82 24.22 2.19 1.46
CA ASN B 82 24.69 3.48 1.97
C ASN B 82 23.71 4.56 1.55
N GLU B 83 23.04 5.18 2.53
CA GLU B 83 21.96 6.11 2.22
C GLU B 83 22.47 7.35 1.50
N SER B 84 23.68 7.80 1.81
CA SER B 84 24.22 9.00 1.15
C SER B 84 24.51 8.78 -0.33
N SER B 85 24.47 7.54 -0.81
CA SER B 85 24.65 7.23 -2.22
C SER B 85 23.38 6.66 -2.82
N THR B 86 22.23 7.25 -2.48
CA THR B 86 20.95 6.86 -3.02
C THR B 86 20.37 7.98 -3.87
N PHE B 87 19.45 7.61 -4.76
CA PHE B 87 18.82 8.54 -5.68
C PHE B 87 17.33 8.63 -5.43
N TRP B 88 16.93 8.68 -4.16
CA TRP B 88 15.52 8.78 -3.81
C TRP B 88 14.94 10.09 -4.33
N HIS B 89 13.75 10.00 -4.95
CA HIS B 89 12.97 11.19 -5.24
C HIS B 89 12.62 11.90 -3.93
N PRO B 90 12.35 13.20 -3.98
CA PRO B 90 11.87 13.90 -2.79
C PRO B 90 10.59 13.26 -2.25
N ARG B 91 10.48 13.22 -0.92
CA ARG B 91 9.41 12.55 -0.19
C ARG B 91 9.40 11.03 -0.39
N GLU B 92 10.49 10.46 -0.89
CA GLU B 92 10.61 9.01 -1.04
C GLU B 92 11.78 8.50 -0.20
N PRO B 93 11.62 7.31 0.43
CA PRO B 93 10.44 6.43 0.44
C PRO B 93 9.23 7.05 1.15
N SER B 94 8.04 6.54 0.84
CA SER B 94 6.81 7.21 1.25
C SER B 94 5.80 6.32 1.98
N ASP B 95 6.00 5.01 2.02
CA ASP B 95 4.95 4.14 2.52
C ASP B 95 5.53 2.82 3.02
N PRO B 96 5.28 2.47 4.28
CA PRO B 96 5.81 1.19 4.79
C PRO B 96 5.34 -0.03 4.03
N ASN B 97 4.19 0.04 3.35
CA ASN B 97 3.67 -1.10 2.60
C ASN B 97 4.13 -1.08 1.14
N GLU B 98 5.01 -0.16 0.76
CA GLU B 98 5.70 -0.18 -0.53
C GLU B 98 7.13 -0.63 -0.25
N ARG B 99 7.40 -1.91 -0.47
CA ARG B 99 8.64 -2.53 -0.03
C ARG B 99 9.55 -2.94 -1.18
N CYS B 100 9.39 -2.33 -2.36
CA CYS B 100 10.25 -2.61 -3.49
C CYS B 100 10.53 -1.32 -4.25
N VAL B 101 11.77 -1.16 -4.70
CA VAL B 101 12.26 0.10 -5.27
C VAL B 101 12.28 0.02 -6.79
N VAL B 102 11.80 1.07 -7.44
CA VAL B 102 11.82 1.17 -8.89
C VAL B 102 12.53 2.45 -9.30
N LEU B 103 12.99 2.47 -10.54
CA LEU B 103 13.52 3.67 -11.17
C LEU B 103 12.41 4.28 -12.03
N ASN B 104 11.98 5.48 -11.69
CA ASN B 104 10.93 6.15 -12.44
C ASN B 104 11.32 7.59 -12.74
N PHE B 105 10.68 8.15 -13.75
CA PHE B 105 10.96 9.50 -14.23
C PHE B 105 9.74 10.37 -13.96
N ARG B 106 9.97 11.56 -13.41
CA ARG B 106 8.91 12.52 -13.12
C ARG B 106 9.13 13.78 -13.94
N LYS B 107 8.03 14.43 -14.31
CA LYS B 107 8.04 15.46 -15.34
C LYS B 107 7.90 16.88 -14.81
N SER B 108 7.86 17.08 -13.51
CA SER B 108 7.78 18.43 -12.97
C SER B 108 8.35 18.55 -11.56
N PRO B 109 9.66 18.80 -11.46
CA PRO B 109 10.60 18.96 -12.57
C PRO B 109 11.07 17.63 -13.15
N LYS B 110 11.69 17.66 -14.32
CA LYS B 110 12.15 16.44 -14.98
C LYS B 110 13.29 15.83 -14.16
N ARG B 111 13.04 14.64 -13.60
CA ARG B 111 13.99 14.01 -12.69
C ARG B 111 13.90 12.49 -12.79
N TRP B 112 15.06 11.85 -12.97
CA TRP B 112 15.18 10.41 -12.78
C TRP B 112 15.53 10.12 -11.33
N GLY B 113 14.93 9.09 -10.76
CA GLY B 113 15.20 8.77 -9.37
C GLY B 113 14.50 7.50 -8.94
N TRP B 114 14.52 7.28 -7.63
CA TRP B 114 14.00 6.07 -7.01
C TRP B 114 12.63 6.31 -6.41
N ASN B 115 11.83 5.24 -6.33
CA ASN B 115 10.51 5.28 -5.71
C ASN B 115 10.18 3.91 -5.15
N ASP B 116 9.81 3.85 -3.88
CA ASP B 116 9.37 2.60 -3.28
C ASP B 116 7.93 2.33 -3.68
N VAL B 117 7.68 1.17 -4.28
CA VAL B 117 6.36 0.77 -4.74
C VAL B 117 6.08 -0.65 -4.25
N ASN B 118 4.84 -1.09 -4.46
CA ASN B 118 4.43 -2.43 -4.09
C ASN B 118 5.19 -3.47 -4.92
N CYS B 119 5.46 -4.62 -4.29
CA CYS B 119 6.23 -5.68 -4.93
C CYS B 119 5.39 -6.59 -5.81
N LEU B 120 4.11 -6.79 -5.50
CA LEU B 120 3.30 -7.71 -6.29
C LEU B 120 2.90 -7.12 -7.64
N GLY B 121 2.52 -5.85 -7.66
CA GLY B 121 2.15 -5.18 -8.89
C GLY B 121 3.25 -5.23 -9.92
N PRO B 122 2.99 -5.93 -11.03
CA PRO B 122 4.04 -6.14 -12.03
C PRO B 122 4.54 -4.84 -12.63
N GLN B 123 5.86 -4.76 -12.81
CA GLN B 123 6.52 -3.68 -13.53
C GLN B 123 7.69 -4.27 -14.30
N ARG B 124 8.30 -3.45 -15.15
CA ARG B 124 9.50 -3.88 -15.85
C ARG B 124 10.68 -3.92 -14.88
N SER B 125 11.81 -4.42 -15.36
CA SER B 125 12.97 -4.63 -14.49
C SER B 125 14.25 -4.54 -15.30
N VAL B 126 15.37 -4.52 -14.59
CA VAL B 126 16.70 -4.49 -15.18
C VAL B 126 17.52 -5.61 -14.54
N CYS B 127 18.04 -6.50 -15.38
CA CYS B 127 18.92 -7.57 -14.90
C CYS B 127 20.37 -7.14 -15.04
N GLU B 128 21.17 -7.42 -14.02
CA GLU B 128 22.60 -7.14 -14.03
C GLU B 128 23.35 -8.47 -14.05
N MET B 129 24.07 -8.73 -15.14
CA MET B 129 24.91 -9.90 -15.28
C MET B 129 26.36 -9.47 -15.42
N MET B 130 27.25 -10.10 -14.64
CA MET B 130 28.66 -9.78 -14.67
C MET B 130 29.40 -10.75 -15.59
N LYS B 131 30.17 -10.20 -16.52
CA LYS B 131 30.76 -10.96 -17.62
C LYS B 131 31.99 -11.77 -17.17
N SER C 2 -7.37 -41.35 3.19
CA SER C 2 -7.45 -40.99 1.78
C SER C 2 -6.53 -39.81 1.46
N CYS C 3 -6.66 -38.74 2.25
CA CYS C 3 -5.80 -37.58 2.09
C CYS C 3 -4.38 -37.90 2.56
N PRO C 4 -3.38 -37.15 2.09
CA PRO C 4 -2.01 -37.35 2.57
C PRO C 4 -1.89 -37.09 4.07
N LYS C 5 -0.76 -37.53 4.62
CA LYS C 5 -0.53 -37.45 6.06
C LYS C 5 -0.43 -36.00 6.51
N ASN C 6 -1.04 -35.70 7.66
CA ASN C 6 -1.11 -34.35 8.22
C ASN C 6 -1.83 -33.37 7.29
N TRP C 7 -2.65 -33.87 6.37
CA TRP C 7 -3.53 -33.06 5.56
C TRP C 7 -4.96 -33.21 6.07
N LYS C 8 -5.72 -32.13 5.97
CA LYS C 8 -7.10 -32.13 6.46
C LYS C 8 -8.05 -32.53 5.33
N SER C 9 -9.03 -33.35 5.68
CA SER C 9 -10.03 -33.81 4.71
C SER C 9 -11.36 -33.14 4.97
N PHE C 10 -11.97 -32.63 3.90
CA PHE C 10 -13.30 -32.04 3.95
C PHE C 10 -13.90 -32.15 2.56
N SER C 11 -15.19 -32.51 2.50
CA SER C 11 -15.87 -32.76 1.23
C SER C 11 -15.10 -33.79 0.43
N SER C 12 -14.39 -33.34 -0.61
CA SER C 12 -13.58 -34.24 -1.42
C SER C 12 -12.20 -33.68 -1.72
N ASN C 13 -11.76 -32.68 -0.97
CA ASN C 13 -10.44 -32.08 -1.14
C ASN C 13 -9.60 -32.31 0.10
N CYS C 14 -8.30 -32.07 -0.05
CA CYS C 14 -7.34 -32.19 1.03
C CYS C 14 -6.69 -30.83 1.27
N TYR C 15 -6.54 -30.46 2.54
CA TYR C 15 -6.05 -29.14 2.90
C TYR C 15 -4.87 -29.27 3.84
N PHE C 16 -3.90 -28.36 3.68
CA PHE C 16 -2.69 -28.34 4.49
C PHE C 16 -2.62 -27.00 5.22
N ILE C 17 -2.58 -27.05 6.54
CA ILE C 17 -2.46 -25.86 7.36
C ILE C 17 -0.98 -25.67 7.69
N SER C 18 -0.39 -24.63 7.10
CA SER C 18 1.05 -24.41 7.22
C SER C 18 1.45 -24.02 8.63
N THR C 19 2.67 -24.44 9.01
CA THR C 19 3.33 -23.96 10.22
C THR C 19 4.54 -23.08 9.92
N GLU C 20 5.12 -23.20 8.74
CA GLU C 20 6.21 -22.36 8.30
C GLU C 20 5.67 -21.17 7.52
N SER C 21 6.45 -20.09 7.47
CA SER C 21 6.04 -18.84 6.85
C SER C 21 6.85 -18.59 5.58
N ALA C 22 6.26 -17.83 4.66
CA ALA C 22 6.89 -17.50 3.38
C ALA C 22 6.08 -16.39 2.72
N SER C 23 6.59 -15.92 1.59
CA SER C 23 5.89 -14.91 0.80
C SER C 23 4.60 -15.49 0.22
N TRP C 24 3.67 -14.59 -0.13
CA TRP C 24 2.42 -15.03 -0.74
C TRP C 24 2.68 -15.77 -2.04
N GLN C 25 3.48 -15.18 -2.94
CA GLN C 25 3.85 -15.86 -4.17
C GLN C 25 4.66 -17.12 -3.87
N ASP C 26 5.54 -17.07 -2.88
CA ASP C 26 6.30 -18.25 -2.49
C ASP C 26 5.40 -19.30 -1.85
N SER C 27 4.35 -18.89 -1.15
CA SER C 27 3.43 -19.86 -0.56
C SER C 27 2.68 -20.62 -1.64
N GLU C 28 2.22 -19.93 -2.68
CA GLU C 28 1.52 -20.61 -3.76
C GLU C 28 2.47 -21.48 -4.58
N LYS C 29 3.73 -21.07 -4.69
CA LYS C 29 4.71 -21.91 -5.38
C LYS C 29 4.95 -23.20 -4.59
N ASP C 30 4.79 -23.16 -3.27
CA ASP C 30 4.95 -24.37 -2.46
C ASP C 30 3.72 -25.26 -2.55
N CYS C 31 2.53 -24.68 -2.46
CA CYS C 31 1.32 -25.46 -2.66
C CYS C 31 1.31 -26.13 -4.02
N ALA C 32 1.74 -25.41 -5.06
CA ALA C 32 1.86 -26.00 -6.39
C ALA C 32 2.89 -27.12 -6.42
N ARG C 33 3.96 -27.00 -5.62
CA ARG C 33 4.97 -28.04 -5.56
C ARG C 33 4.38 -29.34 -5.01
N MET C 34 3.50 -29.23 -4.01
CA MET C 34 2.75 -30.37 -3.52
C MET C 34 1.50 -30.65 -4.34
N GLU C 35 1.48 -30.22 -5.61
CA GLU C 35 0.33 -30.40 -6.49
C GLU C 35 -0.95 -29.88 -5.85
N ALA C 36 -0.93 -28.62 -5.44
CA ALA C 36 -2.11 -27.97 -4.88
C ALA C 36 -2.08 -26.51 -5.27
N HIS C 37 -2.84 -25.69 -4.56
CA HIS C 37 -2.82 -24.26 -4.71
C HIS C 37 -3.23 -23.65 -3.38
N LEU C 38 -3.06 -22.33 -3.26
CA LEU C 38 -3.55 -21.66 -2.07
C LEU C 38 -5.07 -21.80 -1.98
N LEU C 39 -5.57 -21.73 -0.75
CA LEU C 39 -6.98 -22.01 -0.50
C LEU C 39 -7.89 -21.08 -1.30
N VAL C 40 -8.82 -21.68 -2.02
CA VAL C 40 -9.86 -20.95 -2.76
C VAL C 40 -11.18 -21.17 -2.04
N ILE C 41 -11.64 -20.17 -1.30
CA ILE C 41 -12.88 -20.28 -0.54
C ILE C 41 -14.04 -20.18 -1.51
N ASN C 42 -14.72 -21.31 -1.75
CA ASN C 42 -15.88 -21.35 -2.64
C ASN C 42 -17.20 -21.35 -1.90
N THR C 43 -17.24 -21.94 -0.71
CA THR C 43 -18.44 -21.97 0.11
C THR C 43 -18.08 -21.61 1.54
N GLN C 44 -19.05 -21.06 2.27
CA GLN C 44 -18.84 -20.73 3.67
C GLN C 44 -18.63 -21.97 4.51
N GLU C 45 -19.23 -23.10 4.10
CA GLU C 45 -19.00 -24.35 4.80
C GLU C 45 -17.55 -24.78 4.69
N GLU C 46 -16.94 -24.62 3.50
CA GLU C 46 -15.51 -24.90 3.36
C GLU C 46 -14.68 -23.94 4.19
N GLN C 47 -15.07 -22.67 4.25
CA GLN C 47 -14.29 -21.68 4.99
C GLN C 47 -14.34 -21.96 6.50
N ASP C 48 -15.54 -22.21 7.03
CA ASP C 48 -15.66 -22.53 8.44
C ASP C 48 -14.81 -23.73 8.83
N PHE C 49 -14.76 -24.75 7.97
CA PHE C 49 -13.90 -25.90 8.22
C PHE C 49 -12.45 -25.48 8.36
N ILE C 50 -12.02 -24.50 7.56
CA ILE C 50 -10.64 -24.03 7.65
C ILE C 50 -10.40 -23.32 8.99
N PHE C 51 -11.36 -22.48 9.40
CA PHE C 51 -11.20 -21.75 10.66
C PHE C 51 -11.01 -22.70 11.84
N GLN C 52 -11.68 -23.86 11.81
CA GLN C 52 -11.53 -24.81 12.91
C GLN C 52 -10.09 -25.31 13.02
N ASN C 53 -9.36 -25.31 11.91
CA ASN C 53 -8.02 -25.88 11.87
C ASN C 53 -6.93 -24.82 11.88
N LEU C 54 -7.26 -23.60 12.28
CA LEU C 54 -6.29 -22.51 12.34
C LEU C 54 -5.92 -22.22 13.80
N GLN C 55 -4.94 -21.34 13.97
CA GLN C 55 -4.49 -20.89 15.27
C GLN C 55 -4.75 -19.41 15.41
N GLU C 56 -5.28 -19.00 16.57
CA GLU C 56 -5.62 -17.60 16.80
C GLU C 56 -4.42 -16.69 16.53
N GLU C 57 -3.28 -17.02 17.12
CA GLU C 57 -2.08 -16.19 17.10
C GLU C 57 -1.39 -16.13 15.73
N SER C 58 -1.96 -16.60 14.62
CA SER C 58 -1.27 -16.57 13.34
C SER C 58 -2.22 -16.12 12.24
N ALA C 59 -1.65 -15.59 11.17
CA ALA C 59 -2.37 -15.22 9.96
C ALA C 59 -1.99 -16.16 8.83
N TYR C 60 -2.95 -16.49 7.98
CA TYR C 60 -2.78 -17.52 6.97
C TYR C 60 -3.13 -16.96 5.59
N PHE C 61 -2.14 -16.95 4.69
CA PHE C 61 -2.37 -16.55 3.31
C PHE C 61 -3.37 -17.49 2.63
N VAL C 62 -4.24 -16.91 1.80
CA VAL C 62 -5.15 -17.67 0.96
C VAL C 62 -4.99 -17.19 -0.48
N GLY C 63 -5.55 -17.96 -1.41
CA GLY C 63 -5.38 -17.67 -2.82
C GLY C 63 -6.20 -16.51 -3.36
N LEU C 64 -6.17 -15.38 -2.66
CA LEU C 64 -6.91 -14.19 -3.07
C LEU C 64 -5.97 -13.00 -3.03
N SER C 65 -5.84 -12.31 -4.16
CA SER C 65 -4.94 -11.17 -4.26
C SER C 65 -5.54 -10.11 -5.16
N ASP C 66 -4.93 -8.91 -5.12
CA ASP C 66 -5.33 -7.76 -5.91
C ASP C 66 -4.08 -7.20 -6.56
N PRO C 67 -3.65 -7.76 -7.70
CA PRO C 67 -2.31 -7.45 -8.23
C PRO C 67 -2.05 -5.97 -8.49
N GLU C 68 -2.89 -5.32 -9.29
CA GLU C 68 -2.63 -3.95 -9.70
C GLU C 68 -3.16 -2.92 -8.72
N GLY C 69 -3.86 -3.33 -7.66
CA GLY C 69 -4.27 -2.43 -6.61
C GLY C 69 -5.60 -1.72 -6.83
N GLN C 70 -6.34 -2.06 -7.88
CA GLN C 70 -7.60 -1.41 -8.20
C GLN C 70 -8.80 -2.08 -7.52
N ARG C 71 -8.55 -2.96 -6.54
CA ARG C 71 -9.61 -3.57 -5.73
C ARG C 71 -10.42 -4.58 -6.53
N HIS C 72 -9.76 -5.25 -7.45
CA HIS C 72 -10.38 -6.29 -8.26
C HIS C 72 -9.68 -7.59 -7.85
N TRP C 73 -10.24 -8.24 -6.83
CA TRP C 73 -9.62 -9.41 -6.25
C TRP C 73 -9.75 -10.62 -7.17
N GLN C 74 -8.75 -11.50 -7.11
CA GLN C 74 -8.67 -12.66 -7.98
C GLN C 74 -8.36 -13.90 -7.17
N TRP C 75 -9.00 -15.01 -7.53
CA TRP C 75 -8.64 -16.31 -7.01
C TRP C 75 -7.56 -16.93 -7.89
N VAL C 76 -6.70 -17.75 -7.27
CA VAL C 76 -5.53 -18.26 -7.98
C VAL C 76 -5.94 -19.22 -9.09
N ASP C 77 -7.07 -19.92 -8.94
CA ASP C 77 -7.66 -20.67 -10.04
C ASP C 77 -8.69 -19.85 -10.82
N GLN C 78 -8.69 -18.52 -10.58
CA GLN C 78 -9.63 -17.56 -11.17
C GLN C 78 -11.06 -18.07 -11.19
N THR C 79 -11.47 -18.70 -10.10
CA THR C 79 -12.88 -18.82 -9.78
C THR C 79 -13.52 -17.45 -9.75
N PRO C 80 -14.75 -17.29 -10.25
CA PRO C 80 -15.42 -15.99 -10.19
C PRO C 80 -15.53 -15.46 -8.77
N TYR C 81 -15.04 -14.24 -8.56
CA TYR C 81 -15.04 -13.63 -7.24
C TYR C 81 -16.41 -13.05 -6.91
N ASN C 82 -16.89 -13.31 -5.70
CA ASN C 82 -18.23 -12.92 -5.28
C ASN C 82 -18.12 -11.93 -4.12
N GLU C 83 -18.63 -10.71 -4.33
CA GLU C 83 -18.67 -9.71 -3.28
C GLU C 83 -19.83 -9.90 -2.31
N SER C 84 -20.81 -10.73 -2.68
CA SER C 84 -21.95 -10.99 -1.82
C SER C 84 -21.67 -12.02 -0.73
N SER C 85 -20.51 -12.67 -0.78
CA SER C 85 -20.13 -13.67 0.23
C SER C 85 -18.71 -13.45 0.69
N THR C 86 -18.34 -12.19 0.88
CA THR C 86 -17.04 -11.86 1.45
C THR C 86 -17.13 -11.79 2.97
N PHE C 87 -16.03 -12.12 3.63
CA PHE C 87 -15.97 -12.12 5.09
C PHE C 87 -14.85 -11.21 5.58
N TRP C 88 -14.74 -10.03 4.97
CA TRP C 88 -13.79 -9.04 5.44
C TRP C 88 -14.09 -8.65 6.88
N HIS C 89 -13.04 -8.44 7.66
CA HIS C 89 -13.20 -7.78 8.94
C HIS C 89 -13.70 -6.36 8.72
N PRO C 90 -14.36 -5.76 9.71
CA PRO C 90 -14.71 -4.35 9.61
C PRO C 90 -13.50 -3.50 9.26
N ARG C 91 -13.71 -2.55 8.34
CA ARG C 91 -12.70 -1.62 7.83
C ARG C 91 -11.71 -2.27 6.88
N GLU C 92 -11.99 -3.47 6.38
CA GLU C 92 -11.11 -4.10 5.40
C GLU C 92 -11.87 -4.44 4.13
N PRO C 93 -11.22 -4.32 2.95
CA PRO C 93 -9.84 -3.92 2.66
C PRO C 93 -9.51 -2.51 3.15
N SER C 94 -8.24 -2.30 3.54
CA SER C 94 -7.85 -1.09 4.24
C SER C 94 -6.76 -0.27 3.56
N ASP C 95 -6.00 -0.86 2.63
CA ASP C 95 -4.84 -0.15 2.09
C ASP C 95 -4.56 -0.58 0.65
N PRO C 96 -4.52 0.35 -0.31
CA PRO C 96 -4.23 -0.02 -1.71
C PRO C 96 -3.00 -0.88 -1.92
N ASN C 97 -1.97 -0.76 -1.09
CA ASN C 97 -0.75 -1.56 -1.28
C ASN C 97 -0.70 -2.79 -0.38
N GLU C 98 -1.79 -3.09 0.32
CA GLU C 98 -2.01 -4.40 0.94
C GLU C 98 -2.83 -5.22 -0.04
N ARG C 99 -2.16 -6.05 -0.84
CA ARG C 99 -2.80 -6.69 -1.99
C ARG C 99 -2.89 -8.20 -1.88
N CYS C 100 -2.61 -8.78 -0.72
CA CYS C 100 -2.80 -10.21 -0.51
C CYS C 100 -3.61 -10.42 0.77
N VAL C 101 -4.45 -11.44 0.76
CA VAL C 101 -5.46 -11.63 1.80
C VAL C 101 -5.02 -12.77 2.73
N VAL C 102 -5.05 -12.51 4.03
CA VAL C 102 -4.85 -13.53 5.03
C VAL C 102 -6.16 -13.76 5.77
N LEU C 103 -6.29 -14.95 6.36
CA LEU C 103 -7.32 -15.22 7.35
C LEU C 103 -6.71 -14.96 8.73
N ASN C 104 -7.20 -13.93 9.41
CA ASN C 104 -6.72 -13.62 10.74
C ASN C 104 -7.89 -13.47 11.69
N PHE C 105 -7.58 -13.51 12.98
CA PHE C 105 -8.58 -13.51 14.03
C PHE C 105 -8.58 -12.16 14.76
N ARG C 106 -9.78 -11.66 15.02
CA ARG C 106 -9.99 -10.40 15.73
C ARG C 106 -10.83 -10.65 16.98
N LYS C 107 -10.94 -9.63 17.82
CA LYS C 107 -11.69 -9.75 19.07
C LYS C 107 -12.76 -8.68 19.25
N SER C 108 -12.93 -7.79 18.28
CA SER C 108 -14.00 -6.78 18.36
C SER C 108 -14.40 -6.33 16.96
N PRO C 109 -15.36 -7.04 16.34
CA PRO C 109 -16.05 -8.21 16.89
C PRO C 109 -15.19 -9.48 16.88
N LYS C 110 -15.33 -10.31 17.91
CA LYS C 110 -14.52 -11.52 18.01
C LYS C 110 -14.96 -12.53 16.98
N ARG C 111 -14.14 -12.72 15.93
CA ARG C 111 -14.45 -13.65 14.86
C ARG C 111 -13.26 -13.75 13.91
N TRP C 112 -13.19 -14.84 13.17
CA TRP C 112 -12.27 -14.97 12.06
C TRP C 112 -12.77 -14.13 10.87
N GLY C 113 -11.84 -13.76 10.00
CA GLY C 113 -12.22 -12.98 8.84
C GLY C 113 -11.04 -12.73 7.94
N TRP C 114 -11.28 -11.92 6.91
CA TRP C 114 -10.28 -11.59 5.91
C TRP C 114 -9.58 -10.28 6.28
N ASN C 115 -8.31 -10.16 5.86
CA ASN C 115 -7.55 -8.94 6.08
C ASN C 115 -6.54 -8.80 4.95
N ASP C 116 -6.57 -7.67 4.25
CA ASP C 116 -5.57 -7.39 3.24
C ASP C 116 -4.26 -6.98 3.91
N VAL C 117 -3.17 -7.63 3.54
CA VAL C 117 -1.85 -7.38 4.11
C VAL C 117 -0.83 -7.37 2.98
N ASN C 118 0.43 -7.10 3.34
CA ASN C 118 1.50 -7.02 2.36
C ASN C 118 1.90 -8.42 1.89
N CYS C 119 2.05 -8.57 0.57
CA CYS C 119 2.36 -9.88 0.00
C CYS C 119 3.77 -10.34 0.31
N LEU C 120 4.71 -9.40 0.46
CA LEU C 120 6.10 -9.79 0.69
C LEU C 120 6.32 -10.28 2.12
N GLY C 121 5.57 -9.75 3.08
CA GLY C 121 5.69 -10.17 4.45
C GLY C 121 5.38 -11.64 4.62
N PRO C 122 6.31 -12.39 5.22
CA PRO C 122 6.11 -13.83 5.38
C PRO C 122 4.94 -14.13 6.29
N GLN C 123 4.09 -15.06 5.87
CA GLN C 123 2.95 -15.51 6.65
C GLN C 123 2.77 -17.00 6.47
N ARG C 124 2.00 -17.60 7.38
CA ARG C 124 1.56 -18.97 7.17
C ARG C 124 0.52 -19.00 6.06
N SER C 125 0.21 -20.21 5.57
CA SER C 125 -0.67 -20.33 4.42
C SER C 125 -1.51 -21.59 4.53
N VAL C 126 -2.43 -21.74 3.59
CA VAL C 126 -3.31 -22.90 3.49
C VAL C 126 -3.31 -23.37 2.05
N CYS C 127 -3.02 -24.65 1.83
CA CYS C 127 -3.09 -25.23 0.49
C CYS C 127 -4.36 -26.05 0.35
N GLU C 128 -4.98 -25.96 -0.82
CA GLU C 128 -6.18 -26.74 -1.15
C GLU C 128 -5.88 -27.61 -2.36
N MET C 129 -6.12 -28.91 -2.22
CA MET C 129 -5.84 -29.89 -3.27
C MET C 129 -7.02 -30.84 -3.40
N MET C 130 -7.51 -31.03 -4.62
CA MET C 130 -8.67 -31.87 -4.87
C MET C 130 -8.29 -33.34 -5.02
N SER D 2 -28.36 11.43 20.23
CA SER D 2 -29.61 11.30 19.49
C SER D 2 -30.42 10.10 19.97
N CYS D 3 -29.75 8.95 20.07
CA CYS D 3 -30.41 7.74 20.53
C CYS D 3 -30.69 7.83 22.03
N PRO D 4 -31.66 7.05 22.52
CA PRO D 4 -31.94 7.04 23.97
C PRO D 4 -30.72 6.59 24.78
N LYS D 5 -30.74 6.97 26.06
CA LYS D 5 -29.65 6.63 26.97
C LYS D 5 -29.50 5.12 27.09
N ASN D 6 -28.25 4.66 27.12
CA ASN D 6 -27.88 3.25 27.19
C ASN D 6 -28.29 2.47 25.94
N TRP D 7 -28.62 3.18 24.87
CA TRP D 7 -28.86 2.56 23.57
C TRP D 7 -27.66 2.79 22.66
N LYS D 8 -27.38 1.79 21.82
CA LYS D 8 -26.28 1.88 20.88
C LYS D 8 -26.75 2.50 19.58
N SER D 9 -25.87 3.29 18.96
CA SER D 9 -26.18 3.98 17.71
C SER D 9 -25.32 3.43 16.58
N PHE D 10 -25.97 3.03 15.49
CA PHE D 10 -25.28 2.60 14.28
C PHE D 10 -26.10 3.05 13.08
N SER D 11 -25.41 3.56 12.06
CA SER D 11 -26.06 4.12 10.88
C SER D 11 -27.08 5.18 11.29
N SER D 12 -28.37 4.84 11.23
CA SER D 12 -29.43 5.77 11.59
C SER D 12 -30.48 5.13 12.49
N ASN D 13 -30.14 4.04 13.16
CA ASN D 13 -31.05 3.35 14.07
C ASN D 13 -30.43 3.30 15.46
N CYS D 14 -31.24 2.90 16.43
CA CYS D 14 -30.83 2.74 17.81
C CYS D 14 -31.05 1.30 18.24
N TYR D 15 -30.12 0.75 19.01
CA TYR D 15 -30.15 -0.65 19.39
C TYR D 15 -30.02 -0.78 20.90
N PHE D 16 -30.74 -1.75 21.46
CA PHE D 16 -30.74 -2.00 22.89
C PHE D 16 -30.28 -3.43 23.15
N ILE D 17 -29.14 -3.58 23.81
CA ILE D 17 -28.61 -4.88 24.17
C ILE D 17 -29.15 -5.24 25.55
N SER D 18 -30.01 -6.25 25.60
CA SER D 18 -30.68 -6.63 26.84
C SER D 18 -29.70 -7.23 27.84
N THR D 19 -29.99 -7.01 29.12
CA THR D 19 -29.38 -7.77 30.21
C THR D 19 -30.36 -8.70 30.90
N GLU D 20 -31.65 -8.42 30.82
CA GLU D 20 -32.70 -9.28 31.33
C GLU D 20 -33.05 -10.34 30.28
N SER D 21 -33.60 -11.46 30.76
CA SER D 21 -34.01 -12.55 29.90
C SER D 21 -35.53 -12.63 29.86
N ALA D 22 -36.04 -13.20 28.77
CA ALA D 22 -37.47 -13.38 28.57
C ALA D 22 -37.67 -14.28 27.35
N SER D 23 -38.93 -14.69 27.14
CA SER D 23 -39.29 -15.47 25.98
C SER D 23 -39.01 -14.68 24.70
N TRP D 24 -38.97 -15.40 23.57
CA TRP D 24 -38.76 -14.75 22.29
C TRP D 24 -39.92 -13.81 21.95
N GLN D 25 -41.15 -14.29 22.13
CA GLN D 25 -42.31 -13.44 21.89
C GLN D 25 -42.41 -12.33 22.92
N ASP D 26 -42.06 -12.63 24.18
CA ASP D 26 -42.06 -11.60 25.21
C ASP D 26 -40.95 -10.58 24.99
N SER D 27 -39.86 -10.98 24.33
CA SER D 27 -38.82 -10.01 24.01
C SER D 27 -39.29 -9.03 22.95
N GLU D 28 -39.90 -9.53 21.87
CA GLU D 28 -40.53 -8.64 20.90
C GLU D 28 -41.70 -7.87 21.51
N LYS D 29 -42.31 -8.40 22.56
CA LYS D 29 -43.28 -7.62 23.31
C LYS D 29 -42.62 -6.43 24.00
N ASP D 30 -41.44 -6.66 24.61
CA ASP D 30 -40.77 -5.59 25.33
C ASP D 30 -40.14 -4.58 24.37
N CYS D 31 -39.60 -5.04 23.24
CA CYS D 31 -39.07 -4.11 22.26
C CYS D 31 -40.17 -3.19 21.74
N ALA D 32 -41.39 -3.73 21.57
CA ALA D 32 -42.52 -2.90 21.17
C ALA D 32 -42.92 -1.90 22.26
N ARG D 33 -42.74 -2.26 23.53
CA ARG D 33 -43.05 -1.31 24.60
C ARG D 33 -42.18 -0.06 24.49
N MET D 34 -40.97 -0.19 23.95
CA MET D 34 -40.09 0.93 23.71
C MET D 34 -40.14 1.39 22.25
N GLU D 35 -41.21 1.05 21.53
CA GLU D 35 -41.41 1.44 20.14
C GLU D 35 -40.27 0.92 19.25
N ALA D 36 -39.98 -0.37 19.39
CA ALA D 36 -38.93 -1.01 18.62
C ALA D 36 -39.36 -2.44 18.30
N HIS D 37 -38.49 -3.16 17.59
CA HIS D 37 -38.68 -4.56 17.27
C HIS D 37 -37.38 -5.30 17.53
N LEU D 38 -37.47 -6.63 17.57
CA LEU D 38 -36.26 -7.43 17.67
C LEU D 38 -35.37 -7.18 16.46
N LEU D 39 -34.07 -7.36 16.66
CA LEU D 39 -33.09 -7.00 15.65
C LEU D 39 -33.36 -7.71 14.33
N VAL D 40 -33.41 -6.93 13.26
CA VAL D 40 -33.55 -7.44 11.90
C VAL D 40 -32.23 -7.18 11.18
N ILE D 41 -31.45 -8.24 10.99
CA ILE D 41 -30.11 -8.13 10.42
C ILE D 41 -30.25 -7.90 8.91
N ASN D 42 -29.99 -6.67 8.47
CA ASN D 42 -30.13 -6.29 7.08
C ASN D 42 -28.83 -6.31 6.30
N THR D 43 -27.71 -5.99 6.96
CA THR D 43 -26.40 -5.99 6.32
C THR D 43 -25.39 -6.67 7.23
N GLN D 44 -24.25 -7.05 6.63
CA GLN D 44 -23.16 -7.62 7.40
C GLN D 44 -22.53 -6.58 8.34
N GLU D 45 -22.55 -5.31 7.93
CA GLU D 45 -21.99 -4.26 8.77
C GLU D 45 -22.83 -4.06 10.03
N GLU D 46 -24.16 -4.08 9.88
CA GLU D 46 -25.04 -4.00 11.05
C GLU D 46 -24.84 -5.19 11.98
N GLN D 47 -24.60 -6.37 11.42
CA GLN D 47 -24.41 -7.56 12.24
C GLN D 47 -23.12 -7.48 13.05
N ASP D 48 -22.02 -7.07 12.42
CA ASP D 48 -20.76 -6.93 13.13
C ASP D 48 -20.87 -5.91 14.25
N PHE D 49 -21.60 -4.82 14.00
CA PHE D 49 -21.82 -3.82 15.05
C PHE D 49 -22.50 -4.44 16.25
N ILE D 50 -23.45 -5.36 16.03
CA ILE D 50 -24.12 -6.01 17.14
C ILE D 50 -23.17 -6.94 17.88
N PHE D 51 -22.37 -7.70 17.13
CA PHE D 51 -21.43 -8.63 17.75
C PHE D 51 -20.48 -7.92 18.70
N GLN D 52 -20.01 -6.72 18.33
CA GLN D 52 -19.10 -5.98 19.19
C GLN D 52 -19.72 -5.63 20.53
N ASN D 53 -21.05 -5.55 20.60
CA ASN D 53 -21.75 -5.10 21.80
C ASN D 53 -22.41 -6.25 22.57
N LEU D 54 -22.01 -7.50 22.29
CA LEU D 54 -22.56 -8.65 22.98
C LEU D 54 -21.55 -9.20 23.97
N GLN D 55 -22.02 -10.16 24.77
CA GLN D 55 -21.20 -10.86 25.75
C GLN D 55 -21.08 -12.32 25.34
N GLU D 56 -19.86 -12.86 25.44
CA GLU D 56 -19.64 -14.27 25.09
C GLU D 56 -20.52 -15.19 25.90
N GLU D 57 -20.67 -14.90 27.19
CA GLU D 57 -21.37 -15.79 28.13
C GLU D 57 -22.88 -15.82 27.93
N SER D 58 -23.43 -15.15 26.91
CA SER D 58 -24.87 -15.06 26.76
C SER D 58 -25.26 -15.28 25.30
N ALA D 59 -26.52 -15.65 25.11
CA ALA D 59 -27.15 -15.74 23.80
C ALA D 59 -28.25 -14.69 23.71
N TYR D 60 -28.44 -14.15 22.50
CA TYR D 60 -29.31 -12.99 22.29
C TYR D 60 -30.33 -13.31 21.21
N PHE D 61 -31.61 -13.32 21.58
CA PHE D 61 -32.69 -13.46 20.62
C PHE D 61 -32.65 -12.35 19.58
N VAL D 62 -32.97 -12.70 18.34
CA VAL D 62 -33.15 -11.72 17.27
C VAL D 62 -34.46 -12.02 16.55
N GLY D 63 -34.94 -11.03 15.81
CA GLY D 63 -36.24 -11.12 15.18
C GLY D 63 -36.33 -12.04 13.98
N LEU D 64 -35.89 -13.29 14.14
CA LEU D 64 -35.89 -14.27 13.07
C LEU D 64 -36.45 -15.57 13.62
N SER D 65 -37.60 -16.00 13.08
CA SER D 65 -38.28 -17.17 13.61
C SER D 65 -38.78 -18.04 12.46
N ASP D 66 -39.09 -19.29 12.80
CA ASP D 66 -39.59 -20.30 11.86
C ASP D 66 -40.86 -20.89 12.48
N PRO D 67 -41.99 -20.19 12.35
CA PRO D 67 -43.18 -20.58 13.15
C PRO D 67 -43.67 -22.00 12.91
N GLU D 68 -43.73 -22.45 11.66
CA GLU D 68 -44.32 -23.74 11.35
C GLU D 68 -43.33 -24.90 11.36
N GLY D 69 -42.07 -24.66 11.70
CA GLY D 69 -41.08 -25.71 11.78
C GLY D 69 -40.58 -26.25 10.46
N GLN D 70 -41.07 -25.73 9.33
CA GLN D 70 -40.66 -26.19 8.01
C GLN D 70 -39.39 -25.53 7.52
N ARG D 71 -38.64 -24.86 8.39
CA ARG D 71 -37.39 -24.18 8.04
C ARG D 71 -37.63 -23.07 7.02
N HIS D 72 -38.75 -22.35 7.18
CA HIS D 72 -39.09 -21.20 6.36
C HIS D 72 -38.96 -19.97 7.27
N TRP D 73 -37.78 -19.37 7.28
CA TRP D 73 -37.48 -18.31 8.22
C TRP D 73 -38.09 -16.99 7.78
N GLN D 74 -38.38 -16.13 8.75
CA GLN D 74 -39.00 -14.85 8.49
C GLN D 74 -38.53 -13.84 9.52
N TRP D 75 -38.43 -12.58 9.10
CA TRP D 75 -38.12 -11.49 10.00
C TRP D 75 -39.41 -10.91 10.57
N VAL D 76 -39.31 -10.32 11.76
CA VAL D 76 -40.49 -9.80 12.43
C VAL D 76 -41.12 -8.66 11.65
N ASP D 77 -40.30 -7.83 11.00
CA ASP D 77 -40.81 -6.77 10.14
C ASP D 77 -41.07 -7.26 8.72
N GLN D 78 -40.97 -8.56 8.49
CA GLN D 78 -41.33 -9.20 7.22
C GLN D 78 -40.51 -8.67 6.05
N THR D 79 -39.27 -8.26 6.30
CA THR D 79 -38.36 -7.99 5.20
C THR D 79 -37.95 -9.31 4.55
N PRO D 80 -37.71 -9.31 3.24
CA PRO D 80 -37.32 -10.56 2.57
C PRO D 80 -36.10 -11.17 3.22
N TYR D 81 -36.12 -12.48 3.37
CA TYR D 81 -35.05 -13.21 4.04
C TYR D 81 -34.06 -13.72 3.01
N ASN D 82 -32.78 -13.41 3.21
CA ASN D 82 -31.74 -13.72 2.24
C ASN D 82 -31.01 -14.98 2.67
N GLU D 83 -31.16 -16.05 1.88
CA GLU D 83 -30.45 -17.29 2.15
C GLU D 83 -28.97 -17.21 1.79
N SER D 84 -28.59 -16.25 0.94
CA SER D 84 -27.21 -16.11 0.49
C SER D 84 -26.34 -15.35 1.48
N SER D 85 -26.93 -14.70 2.49
CA SER D 85 -26.21 -13.95 3.49
C SER D 85 -26.63 -14.38 4.89
N THR D 86 -26.61 -15.69 5.13
CA THR D 86 -26.85 -16.24 6.45
C THR D 86 -25.53 -16.44 7.18
N PHE D 87 -25.61 -16.53 8.50
CA PHE D 87 -24.41 -16.66 9.32
C PHE D 87 -24.62 -17.71 10.40
N TRP D 88 -25.28 -18.81 10.03
CA TRP D 88 -25.43 -19.94 10.92
C TRP D 88 -24.07 -20.52 11.31
N HIS D 89 -23.99 -21.01 12.55
CA HIS D 89 -22.88 -21.86 12.92
C HIS D 89 -22.92 -23.14 12.09
N PRO D 90 -21.81 -23.87 12.00
CA PRO D 90 -21.85 -25.19 11.36
C PRO D 90 -22.88 -26.08 12.03
N ARG D 91 -23.60 -26.85 11.20
CA ARG D 91 -24.67 -27.76 11.62
C ARG D 91 -25.91 -27.04 12.12
N GLU D 92 -26.01 -25.74 11.90
CA GLU D 92 -27.21 -25.00 12.28
C GLU D 92 -27.91 -24.49 11.03
N PRO D 93 -29.25 -24.48 11.03
CA PRO D 93 -30.17 -24.95 12.09
C PRO D 93 -30.13 -26.46 12.31
N SER D 94 -30.38 -26.89 13.56
CA SER D 94 -30.15 -28.26 13.99
C SER D 94 -31.39 -29.03 14.41
N ASP D 95 -32.52 -28.36 14.65
CA ASP D 95 -33.69 -29.05 15.17
C ASP D 95 -34.96 -28.37 14.71
N PRO D 96 -35.88 -29.09 14.05
CA PRO D 96 -37.13 -28.46 13.59
C PRO D 96 -37.99 -27.90 14.72
N ASN D 97 -37.77 -28.32 15.97
CA ASN D 97 -38.49 -27.78 17.10
C ASN D 97 -37.74 -26.65 17.81
N GLU D 98 -36.60 -26.22 17.26
CA GLU D 98 -35.92 -25.01 17.69
C GLU D 98 -36.21 -23.96 16.62
N ARG D 99 -37.17 -23.09 16.88
CA ARG D 99 -37.69 -22.22 15.84
C ARG D 99 -37.49 -20.73 16.15
N CYS D 100 -36.53 -20.40 17.01
CA CYS D 100 -36.14 -19.02 17.24
C CYS D 100 -34.62 -18.93 17.20
N VAL D 101 -34.12 -17.84 16.63
CA VAL D 101 -32.69 -17.68 16.38
C VAL D 101 -32.09 -16.79 17.44
N VAL D 102 -30.99 -17.23 18.02
CA VAL D 102 -30.16 -16.39 18.87
C VAL D 102 -28.83 -16.17 18.15
N LEU D 103 -28.10 -15.16 18.61
CA LEU D 103 -26.70 -15.00 18.27
C LEU D 103 -25.89 -15.46 19.48
N ASN D 104 -25.15 -16.56 19.32
CA ASN D 104 -24.33 -17.10 20.39
C ASN D 104 -22.92 -17.31 19.88
N PHE D 105 -21.98 -17.40 20.81
CA PHE D 105 -20.56 -17.49 20.49
C PHE D 105 -20.09 -18.93 20.64
N ARG D 106 -19.34 -19.40 19.65
CA ARG D 106 -18.71 -20.72 19.69
C ARG D 106 -17.20 -20.54 19.58
N LYS D 107 -16.47 -21.65 19.79
CA LYS D 107 -15.02 -21.62 19.78
C LYS D 107 -14.41 -22.59 18.77
N SER D 108 -15.21 -23.16 17.88
CA SER D 108 -14.71 -24.06 16.85
C SER D 108 -15.75 -24.26 15.75
N PRO D 109 -15.75 -23.37 14.74
CA PRO D 109 -14.89 -22.21 14.53
C PRO D 109 -15.18 -21.07 15.50
N LYS D 110 -14.13 -20.47 16.08
CA LYS D 110 -14.32 -19.42 17.07
C LYS D 110 -14.85 -18.17 16.38
N ARG D 111 -16.17 -17.99 16.42
CA ARG D 111 -16.81 -16.82 15.85
C ARG D 111 -18.23 -16.73 16.39
N TRP D 112 -18.81 -15.54 16.27
CA TRP D 112 -20.24 -15.39 16.52
C TRP D 112 -21.03 -16.00 15.36
N GLY D 113 -22.30 -16.29 15.63
CA GLY D 113 -23.13 -16.86 14.59
C GLY D 113 -24.54 -17.09 15.08
N TRP D 114 -25.34 -17.72 14.23
CA TRP D 114 -26.74 -17.99 14.48
C TRP D 114 -26.91 -19.39 15.04
N ASN D 115 -27.93 -19.55 15.89
CA ASN D 115 -28.27 -20.86 16.45
C ASN D 115 -29.76 -20.91 16.69
N ASP D 116 -30.44 -21.86 16.07
CA ASP D 116 -31.85 -22.09 16.34
C ASP D 116 -32.02 -22.73 17.71
N VAL D 117 -32.75 -22.07 18.59
CA VAL D 117 -32.97 -22.52 19.96
C VAL D 117 -34.47 -22.52 20.24
N ASN D 118 -34.81 -22.87 21.49
CA ASN D 118 -36.20 -22.95 21.90
C ASN D 118 -36.75 -21.56 22.19
N CYS D 119 -37.95 -21.28 21.67
CA CYS D 119 -38.52 -19.94 21.81
C CYS D 119 -39.00 -19.66 23.22
N LEU D 120 -39.44 -20.70 23.95
CA LEU D 120 -39.95 -20.49 25.30
C LEU D 120 -38.82 -20.33 26.31
N GLY D 121 -37.66 -20.92 26.04
CA GLY D 121 -36.51 -20.75 26.90
C GLY D 121 -36.05 -19.31 26.91
N PRO D 122 -36.12 -18.68 28.08
CA PRO D 122 -35.82 -17.24 28.15
C PRO D 122 -34.36 -16.97 27.84
N GLN D 123 -34.12 -15.97 26.99
CA GLN D 123 -32.79 -15.53 26.62
C GLN D 123 -32.77 -14.00 26.63
N ARG D 124 -31.58 -13.45 26.43
CA ARG D 124 -31.47 -12.01 26.22
C ARG D 124 -31.85 -11.68 24.78
N SER D 125 -31.99 -10.39 24.49
CA SER D 125 -32.50 -9.97 23.18
C SER D 125 -31.82 -8.68 22.75
N VAL D 126 -32.01 -8.34 21.48
CA VAL D 126 -31.48 -7.11 20.88
C VAL D 126 -32.62 -6.42 20.17
N CYS D 127 -33.05 -5.28 20.68
CA CYS D 127 -34.07 -4.49 20.01
C CYS D 127 -33.42 -3.55 19.01
N GLU D 128 -34.18 -3.22 17.96
CA GLU D 128 -33.77 -2.27 16.93
C GLU D 128 -34.89 -1.26 16.72
N MET D 129 -34.53 0.02 16.72
CA MET D 129 -35.50 1.10 16.55
C MET D 129 -34.94 2.13 15.58
N MET D 130 -35.74 2.48 14.58
CA MET D 130 -35.33 3.46 13.59
C MET D 130 -35.15 4.85 14.20
C1 MAN E . 31.42 22.72 -20.61
C2 MAN E . 31.17 23.93 -19.68
C3 MAN E . 31.70 23.62 -18.27
C4 MAN E . 31.15 22.28 -17.76
C5 MAN E . 31.44 21.15 -18.76
C6 MAN E . 30.80 19.84 -18.38
O1 MAN E . 32.81 22.66 -20.84
O2 MAN E . 29.81 24.12 -19.71
O3 MAN E . 31.40 24.66 -17.34
O4 MAN E . 31.75 21.95 -16.51
O5 MAN E . 30.90 21.52 -20.06
O6 MAN E . 31.02 18.90 -19.42
C1 NAG E . 28.92 24.94 -20.42
C2 NAG E . 27.52 24.38 -20.29
C3 NAG E . 26.52 25.29 -21.01
C4 NAG E . 26.67 26.73 -20.53
C5 NAG E . 28.12 27.17 -20.63
C6 NAG E . 28.36 28.55 -20.05
C7 NAG E . 27.05 21.97 -20.08
C8 NAG E . 27.04 20.65 -20.79
N2 NAG E . 27.43 23.02 -20.82
O3 NAG E . 25.19 24.83 -20.77
O4 NAG E . 25.85 27.59 -21.31
O5 NAG E . 28.97 26.27 -19.90
O6 NAG E . 29.74 28.76 -19.78
O7 NAG E . 26.75 22.08 -18.90
C1 MAN F . 1.93 7.38 -6.05
C2 MAN F . 2.84 6.14 -6.04
C3 MAN F . 3.78 6.21 -4.84
C4 MAN F . 4.50 7.57 -4.77
C5 MAN F . 3.48 8.71 -4.79
C6 MAN F . 4.13 10.09 -4.85
O1 MAN F . 1.02 7.21 -4.96
O2 MAN F . 3.30 6.36 -7.33
O3 MAN F . 4.73 5.16 -4.84
O4 MAN F . 5.28 7.63 -3.59
O5 MAN F . 2.65 8.58 -5.97
O6 MAN F . 3.13 11.03 -5.24
C1 NAG F . 3.02 5.59 -8.45
C2 NAG F . 3.79 6.15 -9.65
C3 NAG F . 3.56 5.27 -10.88
C4 NAG F . 3.88 3.81 -10.57
C5 NAG F . 3.12 3.35 -9.33
C6 NAG F . 3.47 1.96 -8.89
C7 NAG F . 4.24 8.55 -9.75
C8 NAG F . 3.68 9.90 -10.10
N2 NAG F . 3.41 7.52 -9.93
O3 NAG F . 4.38 5.73 -11.95
O4 NAG F . 3.52 2.98 -11.67
O5 NAG F . 3.40 4.22 -8.22
O6 NAG F . 2.62 1.50 -7.85
O7 NAG F . 5.39 8.41 -9.35
C1 MAN G . -2.62 -3.25 10.63
C2 MAN G . -2.49 -4.16 9.39
C3 MAN G . -3.63 -3.89 8.41
C4 MAN G . -4.99 -3.90 9.12
C5 MAN G . -5.00 -2.90 10.28
C6 MAN G . -6.30 -2.89 11.07
O1 MAN G . -2.16 -1.96 10.23
O2 MAN G . -2.40 -5.33 10.10
O3 MAN G . -3.63 -4.82 7.34
O4 MAN G . -6.01 -3.57 8.19
O5 MAN G . -3.92 -3.23 11.19
O6 MAN G . -5.99 -2.74 12.46
C1 NAG G . -1.39 -6.25 10.44
C2 NAG G . -2.00 -7.34 11.31
C3 NAG G . -0.91 -8.38 11.64
C4 NAG G . -0.22 -8.88 10.38
C5 NAG G . 0.28 -7.70 9.55
C6 NAG G . 0.86 -8.12 8.22
C7 NAG G . -3.90 -6.78 12.74
C8 NAG G . -4.32 -6.18 14.05
N2 NAG G . -2.58 -6.81 12.51
O3 NAG G . -1.50 -9.47 12.34
O4 NAG G . 0.87 -9.73 10.71
O5 NAG G . -0.81 -6.80 9.26
O6 NAG G . 1.59 -7.05 7.61
O7 NAG G . -4.71 -7.21 11.92
C1 MAN H . -27.47 -27.68 21.96
C2 MAN H . -28.51 -26.60 21.60
C3 MAN H . -28.71 -26.52 20.08
C4 MAN H . -27.35 -26.43 19.35
C5 MAN H . -26.46 -27.63 19.78
C6 MAN H . -25.07 -27.58 19.14
O1 MAN H . -28.12 -28.94 21.81
O2 MAN H . -27.83 -25.51 22.08
O3 MAN H . -29.53 -25.42 19.71
O4 MAN H . -27.55 -26.47 17.95
O5 MAN H . -26.30 -27.59 21.21
O6 MAN H . -24.28 -28.62 19.71
C1 NAG H . -28.01 -24.80 23.27
C2 NAG H . -26.93 -23.74 23.39
C3 NAG H . -27.14 -22.91 24.65
C4 NAG H . -28.57 -22.38 24.72
C5 NAG H . -29.56 -23.52 24.53
C6 NAG H . -31.00 -23.05 24.48
C7 NAG H . -24.76 -24.26 22.36
C8 NAG H . -23.44 -24.95 22.55
N2 NAG H . -25.60 -24.33 23.40
O3 NAG H . -26.22 -21.83 24.67
O4 NAG H . -28.81 -21.75 25.97
O5 NAG H . -29.30 -24.19 23.29
O6 NAG H . -31.90 -24.11 24.75
O7 NAG H . -25.05 -23.68 21.33
CA CA I . 15.75 31.32 -0.94
CA CA J . 31.70 23.63 -14.81
CA CA K . 25.95 -2.81 -10.26
CA CA L . 6.51 5.57 -2.95
CA CA M . -12.17 -24.59 -2.45
CA CA N . -5.35 -4.57 6.06
CA CA O . -31.67 -3.61 10.91
CA CA P . -29.64 -25.32 17.31
#